data_1S9Z
# 
_entry.id   1S9Z 
# 
_audit_conform.dict_name       mmcif_pdbx.dic 
_audit_conform.dict_version    5.397 
_audit_conform.dict_location   http://mmcif.pdb.org/dictionaries/ascii/mmcif_pdbx.dic 
# 
loop_
_database_2.database_id 
_database_2.database_code 
_database_2.pdbx_database_accession 
_database_2.pdbx_DOI 
PDB   1S9Z         pdb_00001s9z 10.2210/pdb1s9z/pdb 
RCSB  RCSB021552   ?            ?                   
WWPDB D_1000021552 ?            ?                   
# 
loop_
_pdbx_audit_revision_history.ordinal 
_pdbx_audit_revision_history.data_content_type 
_pdbx_audit_revision_history.major_revision 
_pdbx_audit_revision_history.minor_revision 
_pdbx_audit_revision_history.revision_date 
1 'Structure model' 1 0 2004-04-06 
2 'Structure model' 1 1 2008-04-29 
3 'Structure model' 1 2 2011-07-13 
4 'Structure model' 1 3 2024-10-30 
# 
_pdbx_audit_revision_details.ordinal             1 
_pdbx_audit_revision_details.revision_ordinal    1 
_pdbx_audit_revision_details.data_content_type   'Structure model' 
_pdbx_audit_revision_details.provider            repository 
_pdbx_audit_revision_details.type                'Initial release' 
_pdbx_audit_revision_details.description         ? 
_pdbx_audit_revision_details.details             ? 
# 
loop_
_pdbx_audit_revision_group.ordinal 
_pdbx_audit_revision_group.revision_ordinal 
_pdbx_audit_revision_group.data_content_type 
_pdbx_audit_revision_group.group 
1 2 'Structure model' 'Version format compliance' 
2 3 'Structure model' 'Derived calculations'      
3 3 'Structure model' 'Version format compliance' 
4 4 'Structure model' 'Data collection'           
5 4 'Structure model' 'Database references'       
6 4 'Structure model' 'Derived calculations'      
7 4 'Structure model' 'Structure summary'         
# 
loop_
_pdbx_audit_revision_category.ordinal 
_pdbx_audit_revision_category.revision_ordinal 
_pdbx_audit_revision_category.data_content_type 
_pdbx_audit_revision_category.category 
1 4 'Structure model' chem_comp_atom            
2 4 'Structure model' chem_comp_bond            
3 4 'Structure model' database_2                
4 4 'Structure model' pdbx_entry_details        
5 4 'Structure model' pdbx_modification_feature 
6 4 'Structure model' struct_conn               
7 4 'Structure model' struct_site               
# 
loop_
_pdbx_audit_revision_item.ordinal 
_pdbx_audit_revision_item.revision_ordinal 
_pdbx_audit_revision_item.data_content_type 
_pdbx_audit_revision_item.item 
1  4 'Structure model' '_database_2.pdbx_DOI'                
2  4 'Structure model' '_database_2.pdbx_database_accession' 
3  4 'Structure model' '_struct_conn.pdbx_leaving_atom_flag' 
4  4 'Structure model' '_struct_conn.ptnr1_auth_comp_id'     
5  4 'Structure model' '_struct_conn.ptnr1_auth_seq_id'      
6  4 'Structure model' '_struct_conn.ptnr1_label_asym_id'    
7  4 'Structure model' '_struct_conn.ptnr1_label_atom_id'    
8  4 'Structure model' '_struct_conn.ptnr1_label_comp_id'    
9  4 'Structure model' '_struct_conn.ptnr1_label_seq_id'     
10 4 'Structure model' '_struct_conn.ptnr1_symmetry'         
11 4 'Structure model' '_struct_conn.ptnr2_auth_comp_id'     
12 4 'Structure model' '_struct_conn.ptnr2_auth_seq_id'      
13 4 'Structure model' '_struct_conn.ptnr2_label_asym_id'    
14 4 'Structure model' '_struct_conn.ptnr2_label_atom_id'    
15 4 'Structure model' '_struct_conn.ptnr2_label_comp_id'    
16 4 'Structure model' '_struct_conn.ptnr2_label_seq_id'     
17 4 'Structure model' '_struct_conn.ptnr2_symmetry'         
18 4 'Structure model' '_struct_site.pdbx_auth_asym_id'      
19 4 'Structure model' '_struct_site.pdbx_auth_comp_id'      
20 4 'Structure model' '_struct_site.pdbx_auth_seq_id'       
# 
_pdbx_database_status.status_code                     REL 
_pdbx_database_status.entry_id                        1S9Z 
_pdbx_database_status.recvd_initial_deposition_date   2004-02-06 
_pdbx_database_status.deposit_site                    RCSB 
_pdbx_database_status.process_site                    RCSB 
_pdbx_database_status.status_code_sf                  REL 
_pdbx_database_status.SG_entry                        . 
_pdbx_database_status.pdb_format_compatible           Y 
_pdbx_database_status.status_code_mr                  ? 
_pdbx_database_status.status_code_cs                  ? 
_pdbx_database_status.status_code_nmr_data            ? 
_pdbx_database_status.methods_development_category    ? 
# 
loop_
_audit_author.name 
_audit_author.pdbx_ordinal 
'Kammerer, R.A.'        1  
'Kostrewa, D.'          2  
'Zurdo, J.'             3  
'Detken, A.'            4  
'Garcia-Echeverria, C.' 5  
'Green, J.D.'           6  
'Muller, S.A.'          7  
'Meier, B.H.'           8  
'Winkler, F.K.'         9  
'Dobson, C.M.'          10 
'Steinmetz, M.O.'       11 
# 
_citation.id                        primary 
_citation.title                     'Exploring amyloid formation by a de novo design' 
_citation.journal_abbrev            Proc.Natl.Acad.Sci.USA 
_citation.journal_volume            101 
_citation.page_first                4435 
_citation.page_last                 4440 
_citation.year                      2004 
_citation.journal_id_ASTM           PNASA6 
_citation.country                   US 
_citation.journal_id_ISSN           0027-8424 
_citation.journal_id_CSD            0040 
_citation.book_publisher            ? 
_citation.pdbx_database_id_PubMed   15070736 
_citation.pdbx_database_id_DOI      10.1073/pnas.0306786101 
# 
loop_
_citation_author.citation_id 
_citation_author.name 
_citation_author.ordinal 
_citation_author.identifier_ORCID 
primary 'Kammerer, R.A.'  1 ? 
primary 'Kostrewa, D.'    2 ? 
primary 'Zurdo, J.'       3 ? 
primary 'Detken, A.'      4 ? 
primary 'Green, J.D.'     5 ? 
primary 'Meier, B.H.'     6 ? 
primary 'Winkler, F.K.'   7 ? 
primary 'Dobson, C.M.'    8 ? 
primary 'Steinmetz, M.O.' 9 ? 
# 
loop_
_entity.id 
_entity.type 
_entity.src_method 
_entity.pdbx_description 
_entity.formula_weight 
_entity.pdbx_number_of_molecules 
_entity.pdbx_ec 
_entity.pdbx_mutation 
_entity.pdbx_fragment 
_entity.details 
1 polymer     syn 'SYNTHETIC COILED-COIL PEPTIDE' 2083.438 1 ? ? ? ? 
2 non-polymer syn 'SODIUM ION'                    22.990   1 ? ? ? ? 
3 non-polymer syn 'ZINC ION'                      65.409   1 ? ? ? ? 
4 water       nat water                           18.015   7 ? ? ? ? 
# 
_entity_poly.entity_id                      1 
_entity_poly.type                           'polypeptide(L)' 
_entity_poly.nstd_linkage                   no 
_entity_poly.nstd_monomer                   yes 
_entity_poly.pdbx_seq_one_letter_code       '(ACE)SIRELEARIRELELRIG' 
_entity_poly.pdbx_seq_one_letter_code_can   XSIRELEARIRELELRIG 
_entity_poly.pdbx_strand_id                 A 
_entity_poly.pdbx_target_identifier         ? 
# 
loop_
_pdbx_entity_nonpoly.entity_id 
_pdbx_entity_nonpoly.name 
_pdbx_entity_nonpoly.comp_id 
2 'SODIUM ION' NA  
3 'ZINC ION'   ZN  
4 water        HOH 
# 
loop_
_entity_poly_seq.entity_id 
_entity_poly_seq.num 
_entity_poly_seq.mon_id 
_entity_poly_seq.hetero 
1 1  ACE n 
1 2  SER n 
1 3  ILE n 
1 4  ARG n 
1 5  GLU n 
1 6  LEU n 
1 7  GLU n 
1 8  ALA n 
1 9  ARG n 
1 10 ILE n 
1 11 ARG n 
1 12 GLU n 
1 13 LEU n 
1 14 GLU n 
1 15 LEU n 
1 16 ARG n 
1 17 ILE n 
1 18 GLY n 
# 
_pdbx_entity_src_syn.entity_id              1 
_pdbx_entity_src_syn.pdbx_src_id            1 
_pdbx_entity_src_syn.pdbx_alt_source_flag   sample 
_pdbx_entity_src_syn.pdbx_beg_seq_num       ? 
_pdbx_entity_src_syn.pdbx_end_seq_num       ? 
_pdbx_entity_src_syn.organism_scientific    ? 
_pdbx_entity_src_syn.organism_common_name   ? 
_pdbx_entity_src_syn.ncbi_taxonomy_id       ? 
_pdbx_entity_src_syn.details                'DE NOVO DESIGN' 
# 
loop_
_chem_comp.id 
_chem_comp.type 
_chem_comp.mon_nstd_flag 
_chem_comp.name 
_chem_comp.pdbx_synonyms 
_chem_comp.formula 
_chem_comp.formula_weight 
ACE non-polymer         . 'ACETYL GROUP'  ? 'C2 H4 O'        44.053  
ALA 'L-peptide linking' y ALANINE         ? 'C3 H7 N O2'     89.093  
ARG 'L-peptide linking' y ARGININE        ? 'C6 H15 N4 O2 1' 175.209 
GLU 'L-peptide linking' y 'GLUTAMIC ACID' ? 'C5 H9 N O4'     147.129 
GLY 'peptide linking'   y GLYCINE         ? 'C2 H5 N O2'     75.067  
HOH non-polymer         . WATER           ? 'H2 O'           18.015  
ILE 'L-peptide linking' y ISOLEUCINE      ? 'C6 H13 N O2'    131.173 
LEU 'L-peptide linking' y LEUCINE         ? 'C6 H13 N O2'    131.173 
NA  non-polymer         . 'SODIUM ION'    ? 'Na 1'           22.990  
SER 'L-peptide linking' y SERINE          ? 'C3 H7 N O3'     105.093 
ZN  non-polymer         . 'ZINC ION'      ? 'Zn 2'           65.409  
# 
loop_
_pdbx_poly_seq_scheme.asym_id 
_pdbx_poly_seq_scheme.entity_id 
_pdbx_poly_seq_scheme.seq_id 
_pdbx_poly_seq_scheme.mon_id 
_pdbx_poly_seq_scheme.ndb_seq_num 
_pdbx_poly_seq_scheme.pdb_seq_num 
_pdbx_poly_seq_scheme.auth_seq_num 
_pdbx_poly_seq_scheme.pdb_mon_id 
_pdbx_poly_seq_scheme.auth_mon_id 
_pdbx_poly_seq_scheme.pdb_strand_id 
_pdbx_poly_seq_scheme.pdb_ins_code 
_pdbx_poly_seq_scheme.hetero 
A 1 1  ACE 1  1  1  ACE ACE A . n 
A 1 2  SER 2  2  2  SER SER A . n 
A 1 3  ILE 3  3  3  ILE ILE A . n 
A 1 4  ARG 4  4  4  ARG ARG A . n 
A 1 5  GLU 5  5  5  GLU GLU A . n 
A 1 6  LEU 6  6  6  LEU LEU A . n 
A 1 7  GLU 7  7  7  GLU GLU A . n 
A 1 8  ALA 8  8  8  ALA ALA A . n 
A 1 9  ARG 9  9  9  ARG ARG A . n 
A 1 10 ILE 10 10 10 ILE ILE A . n 
A 1 11 ARG 11 11 11 ARG ARG A . n 
A 1 12 GLU 12 12 12 GLU GLU A . n 
A 1 13 LEU 13 13 13 LEU LEU A . n 
A 1 14 GLU 14 14 14 GLU GLU A . n 
A 1 15 LEU 15 15 15 LEU LEU A . n 
A 1 16 ARG 16 16 16 ARG ARG A . n 
A 1 17 ILE 17 17 17 ILE ILE A . n 
A 1 18 GLY 18 18 ?  ?   ?   A . n 
# 
loop_
_pdbx_nonpoly_scheme.asym_id 
_pdbx_nonpoly_scheme.entity_id 
_pdbx_nonpoly_scheme.mon_id 
_pdbx_nonpoly_scheme.ndb_seq_num 
_pdbx_nonpoly_scheme.pdb_seq_num 
_pdbx_nonpoly_scheme.auth_seq_num 
_pdbx_nonpoly_scheme.pdb_mon_id 
_pdbx_nonpoly_scheme.auth_mon_id 
_pdbx_nonpoly_scheme.pdb_strand_id 
_pdbx_nonpoly_scheme.pdb_ins_code 
B 2 NA  1 101 101 NA  NA  A . 
C 3 ZN  1 102 102 ZN  ZN  A . 
D 4 HOH 1 103 103 HOH HOH A . 
D 4 HOH 2 104 104 HOH HOH A . 
D 4 HOH 3 105 105 HOH HOH A . 
D 4 HOH 4 106 106 HOH HOH A . 
D 4 HOH 5 107 107 HOH HOH A . 
D 4 HOH 6 108 108 HOH HOH A . 
D 4 HOH 7 109 109 HOH HOH A . 
# 
loop_
_software.name 
_software.classification 
_software.version 
_software.citation_id 
_software.pdbx_ordinal 
BUSTER    refinement       . ? 1 
DENZO     'data reduction' . ? 2 
SCALEPACK 'data scaling'   . ? 3 
CNS       phasing          . ? 4 
# 
_cell.entry_id           1S9Z 
_cell.length_a           22.274 
_cell.length_b           22.274 
_cell.length_c           52.547 
_cell.angle_alpha        90.00 
_cell.angle_beta         90.00 
_cell.angle_gamma        120.00 
_cell.Z_PDB              6 
_cell.pdbx_unique_axis   ? 
# 
_symmetry.entry_id                         1S9Z 
_symmetry.space_group_name_H-M             'P 63' 
_symmetry.pdbx_full_space_group_name_H-M   ? 
_symmetry.cell_setting                     ? 
_symmetry.Int_Tables_number                173 
# 
_exptl.entry_id          1S9Z 
_exptl.method            'X-RAY DIFFRACTION' 
_exptl.crystals_number   1 
# 
_exptl_crystal.id                    1 
_exptl_crystal.density_meas          ? 
_exptl_crystal.density_percent_sol   33.59 
_exptl_crystal.description           ? 
_exptl_crystal.density_Matthews      1.87 
# 
_exptl_crystal_grow.crystal_id      1 
_exptl_crystal_grow.method          'VAPOR DIFFUSION, HANGING DROP' 
_exptl_crystal_grow.temp            277 
_exptl_crystal_grow.temp_details    ? 
_exptl_crystal_grow.pH              6.5 
_exptl_crystal_grow.pdbx_details    
'SODIUM CACODYLATE, ZINC ACETATE, PEG 8000, pH 6.5, VAPOR DIFFUSION, HANGING DROP, temperature 277K' 
_exptl_crystal_grow.pdbx_pH_range   . 
# 
_diffrn.id                     1 
_diffrn.ambient_temp           298 
_diffrn.ambient_temp_details   ? 
_diffrn.crystal_id             1 
# 
_diffrn_detector.diffrn_id              1 
_diffrn_detector.detector               'IMAGE PLATE' 
_diffrn_detector.type                   MARRESEARCH 
_diffrn_detector.pdbx_collection_date   ? 
_diffrn_detector.details                ? 
# 
_diffrn_radiation.diffrn_id                        1 
_diffrn_radiation.wavelength_id                    1 
_diffrn_radiation.pdbx_monochromatic_or_laue_m_l   M 
_diffrn_radiation.monochromator                    'OSMIC MIRRORS' 
_diffrn_radiation.pdbx_diffrn_protocol             'SINGLE WAVELENGTH' 
_diffrn_radiation.pdbx_scattering_type             x-ray 
# 
_diffrn_radiation_wavelength.id           1 
_diffrn_radiation_wavelength.wavelength   1.54178 
_diffrn_radiation_wavelength.wt           1.0 
# 
_diffrn_source.diffrn_id                   1 
_diffrn_source.source                      'ROTATING ANODE' 
_diffrn_source.type                        'ENRAF-NONIUS FR591' 
_diffrn_source.pdbx_synchrotron_site       ? 
_diffrn_source.pdbx_synchrotron_beamline   ? 
_diffrn_source.pdbx_wavelength             ? 
_diffrn_source.pdbx_wavelength_list        1.54178 
# 
_reflns.entry_id                     1S9Z 
_reflns.observed_criterion_sigma_F   ? 
_reflns.observed_criterion_sigma_I   ? 
_reflns.d_resolution_high            2.01 
_reflns.d_resolution_low             15.54 
_reflns.number_all                   985 
_reflns.number_obs                   985 
_reflns.percent_possible_obs         97.1 
_reflns.pdbx_Rmerge_I_obs            ? 
_reflns.pdbx_Rsym_value              0.082 
_reflns.pdbx_netI_over_sigmaI        15.2 
_reflns.B_iso_Wilson_estimate        25.3 
_reflns.pdbx_redundancy              4.5 
_reflns.R_free_details               ? 
_reflns.limit_h_max                  ? 
_reflns.limit_h_min                  ? 
_reflns.limit_k_max                  ? 
_reflns.limit_k_min                  ? 
_reflns.limit_l_max                  ? 
_reflns.limit_l_min                  ? 
_reflns.observed_criterion_F_max     ? 
_reflns.observed_criterion_F_min     ? 
_reflns.pdbx_ordinal                 1 
_reflns.pdbx_diffrn_id               1 
# 
_reflns_shell.d_res_high             2.01 
_reflns_shell.d_res_low              2.07 
_reflns_shell.percent_possible_all   85.3 
_reflns_shell.Rmerge_I_obs           ? 
_reflns_shell.pdbx_Rsym_value        0.22 
_reflns_shell.meanI_over_sigI_obs    6.9 
_reflns_shell.pdbx_redundancy        4.5 
_reflns_shell.percent_possible_obs   ? 
_reflns_shell.number_unique_all      ? 
_reflns_shell.pdbx_ordinal           1 
_reflns_shell.pdbx_diffrn_id         1 
# 
_refine.entry_id                                 1S9Z 
_refine.ls_number_reflns_obs                     985 
_refine.ls_number_reflns_all                     985 
_refine.pdbx_ls_sigma_I                          ? 
_refine.pdbx_ls_sigma_F                          ? 
_refine.pdbx_data_cutoff_high_absF               ? 
_refine.pdbx_data_cutoff_low_absF                ? 
_refine.pdbx_data_cutoff_high_rms_absF           ? 
_refine.ls_d_res_low                             15.54 
_refine.ls_d_res_high                            2.01 
_refine.ls_percent_reflns_obs                    ? 
_refine.ls_R_factor_obs                          ? 
_refine.ls_R_factor_all                          0.2 
_refine.ls_R_factor_R_work                       0.196 
_refine.ls_R_factor_R_free                       0.233 
_refine.ls_R_factor_R_free_error                 ? 
_refine.ls_R_factor_R_free_error_details         ? 
_refine.ls_percent_reflns_R_free                 10.0 
_refine.ls_number_reflns_R_free                  95 
_refine.ls_number_parameters                     ? 
_refine.ls_number_restraints                     ? 
_refine.occupancy_min                            ? 
_refine.occupancy_max                            ? 
_refine.correlation_coeff_Fo_to_Fc               ? 
_refine.correlation_coeff_Fo_to_Fc_free          ? 
_refine.B_iso_mean                               49.2 
_refine.aniso_B[1][1]                            ? 
_refine.aniso_B[2][2]                            ? 
_refine.aniso_B[3][3]                            ? 
_refine.aniso_B[1][2]                            ? 
_refine.aniso_B[1][3]                            ? 
_refine.aniso_B[2][3]                            ? 
_refine.solvent_model_details                    ? 
_refine.solvent_model_param_ksol                 ? 
_refine.solvent_model_param_bsol                 ? 
_refine.pdbx_solvent_vdw_probe_radii             ? 
_refine.pdbx_solvent_ion_probe_radii             ? 
_refine.pdbx_solvent_shrinkage_radii             ? 
_refine.pdbx_ls_cross_valid_method               THROUGHOUT 
_refine.details                                  
'THE STRUCTURE WAS REFINED AGAINST A TWINNED DATA SET WITH A TWIN LAW FOR A TWOFOLD AXIS ALONG A,B AND A TWIN FRACTION OF 0.12.' 
_refine.pdbx_starting_model                      ? 
_refine.pdbx_method_to_determine_struct          'MOLECULAR REPLACEMENT' 
_refine.pdbx_isotropic_thermal_model             ISOTROPIC 
_refine.pdbx_stereochemistry_target_values       'Engh & Huber' 
_refine.pdbx_stereochem_target_val_spec_case     ? 
_refine.pdbx_R_Free_selection_details            RANDOM 
_refine.pdbx_overall_ESU_R                       ? 
_refine.pdbx_overall_ESU_R_Free                  ? 
_refine.overall_SU_ML                            ? 
_refine.overall_SU_B                             ? 
_refine.ls_redundancy_reflns_obs                 ? 
_refine.B_iso_min                                ? 
_refine.B_iso_max                                ? 
_refine.overall_SU_R_Cruickshank_DPI             ? 
_refine.overall_SU_R_free                        ? 
_refine.pdbx_refine_id                           'X-RAY DIFFRACTION' 
_refine.pdbx_diffrn_id                           1 
_refine.pdbx_TLS_residual_ADP_flag               ? 
_refine.pdbx_overall_phase_error                 ? 
_refine.pdbx_overall_SU_R_free_Cruickshank_DPI   ? 
_refine.pdbx_overall_SU_R_Blow_DPI               ? 
_refine.pdbx_overall_SU_R_free_Blow_DPI          ? 
# 
_refine_hist.pdbx_refine_id                   'X-RAY DIFFRACTION' 
_refine_hist.cycle_id                         LAST 
_refine_hist.pdbx_number_atoms_protein        142 
_refine_hist.pdbx_number_atoms_nucleic_acid   0 
_refine_hist.pdbx_number_atoms_ligand         2 
_refine_hist.number_atoms_solvent             7 
_refine_hist.number_atoms_total               151 
_refine_hist.d_res_high                       2.01 
_refine_hist.d_res_low                        15.54 
# 
loop_
_refine_ls_restr.type 
_refine_ls_restr.dev_ideal 
_refine_ls_restr.dev_ideal_target 
_refine_ls_restr.weight 
_refine_ls_restr.number 
_refine_ls_restr.pdbx_refine_id 
_refine_ls_restr.pdbx_restraint_function 
o_bond_d           0.012 ? ? ? 'X-RAY DIFFRACTION' ? 
o_angle_deg        1.7   ? ? ? 'X-RAY DIFFRACTION' ? 
o_dihedral_angle_d 16.0  ? ? ? 'X-RAY DIFFRACTION' ? 
# 
_struct.entry_id                  1S9Z 
_struct.title                     
;SYNTHETIC 17 AMINO ACID LONG PEPTIDE THAT FORMS A NATIVE-LIKE COILED-COIL AT AMBIENT TEMPERATURE AND AGGREGATES INTO AMYLOID-LIKE FIBRILS AT HIGHER TEMPERATURES.
;
_struct.pdbx_model_details        ? 
_struct.pdbx_CASP_flag            ? 
_struct.pdbx_model_type_details   ? 
# 
_struct_keywords.entry_id        1S9Z 
_struct_keywords.pdbx_keywords   'DE NOVO PROTEIN' 
_struct_keywords.text            'DE NOVO PROTEIN' 
# 
loop_
_struct_asym.id 
_struct_asym.pdbx_blank_PDB_chainid_flag 
_struct_asym.pdbx_modified 
_struct_asym.entity_id 
_struct_asym.details 
A N N 1 ? 
B N N 2 ? 
C N N 3 ? 
D N N 4 ? 
# 
_struct_ref.id                         1 
_struct_ref.entity_id                  1 
_struct_ref.db_name                    PDB 
_struct_ref.db_code                    1S9Z 
_struct_ref.pdbx_db_accession          1S9Z 
_struct_ref.pdbx_db_isoform            ? 
_struct_ref.pdbx_seq_one_letter_code   ? 
_struct_ref.pdbx_align_begin           ? 
# 
_struct_ref_seq.align_id                      1 
_struct_ref_seq.ref_id                        1 
_struct_ref_seq.pdbx_PDB_id_code              1S9Z 
_struct_ref_seq.pdbx_strand_id                A 
_struct_ref_seq.seq_align_beg                 1 
_struct_ref_seq.pdbx_seq_align_beg_ins_code   ? 
_struct_ref_seq.seq_align_end                 18 
_struct_ref_seq.pdbx_seq_align_end_ins_code   ? 
_struct_ref_seq.pdbx_db_accession             1S9Z 
_struct_ref_seq.db_align_beg                  1 
_struct_ref_seq.pdbx_db_align_beg_ins_code    ? 
_struct_ref_seq.db_align_end                  18 
_struct_ref_seq.pdbx_db_align_end_ins_code    ? 
_struct_ref_seq.pdbx_auth_seq_align_beg       1 
_struct_ref_seq.pdbx_auth_seq_align_end       18 
# 
_pdbx_struct_assembly.id                   1 
_pdbx_struct_assembly.details              author_and_software_defined_assembly 
_pdbx_struct_assembly.method_details       PISA,PQS 
_pdbx_struct_assembly.oligomeric_details   trimeric 
_pdbx_struct_assembly.oligomeric_count     3 
# 
loop_
_pdbx_struct_assembly_prop.biol_id 
_pdbx_struct_assembly_prop.type 
_pdbx_struct_assembly_prop.value 
_pdbx_struct_assembly_prop.details 
1 'ABSA (A^2)' 2590 ? 
1 MORE         -18  ? 
1 'SSA (A^2)'  3660 ? 
# 
_pdbx_struct_assembly_gen.assembly_id       1 
_pdbx_struct_assembly_gen.oper_expression   1,2,3 
_pdbx_struct_assembly_gen.asym_id_list      A,B,C,D 
# 
loop_
_pdbx_struct_oper_list.id 
_pdbx_struct_oper_list.type 
_pdbx_struct_oper_list.name 
_pdbx_struct_oper_list.symmetry_operation 
_pdbx_struct_oper_list.matrix[1][1] 
_pdbx_struct_oper_list.matrix[1][2] 
_pdbx_struct_oper_list.matrix[1][3] 
_pdbx_struct_oper_list.vector[1] 
_pdbx_struct_oper_list.matrix[2][1] 
_pdbx_struct_oper_list.matrix[2][2] 
_pdbx_struct_oper_list.matrix[2][3] 
_pdbx_struct_oper_list.vector[2] 
_pdbx_struct_oper_list.matrix[3][1] 
_pdbx_struct_oper_list.matrix[3][2] 
_pdbx_struct_oper_list.matrix[3][3] 
_pdbx_struct_oper_list.vector[3] 
1 'identity operation'         1_555 x,y,z         1.0000000000  0.0000000000  0.0000000000  0.0000000000  0.0000000000  1.0000000000  0.0000000000  0.0000000000 0.0000000000  0.0000000000  1.0000000000 0.0000000000  
2 'crystal symmetry operation' 2_765 -y+2,x-y+1,z  -0.3158650000 -0.4909803442 -0.8118913741 -5.1048729725 0.9468626009  -0.2178311674 -0.2366448764 8.8163968611 -0.0606672629 -0.8434974120 0.5336961674 2.4517175539  
3 'crystal symmetry operation' 3_675 -x+y+1,-x+2,z -0.3158650000 0.9468626009  -0.0606672629 -9.8116281704 -0.4909803442 -0.2178311674 -0.8434974120 1.4821111435 -0.8118913741 -0.2366448764 0.5336961674 -3.3667194486 
# 
_struct_biol.id   1 
# 
_struct_conf.conf_type_id            HELX_P 
_struct_conf.id                      HELX_P1 
_struct_conf.pdbx_PDB_helix_id       1 
_struct_conf.beg_label_comp_id       SER 
_struct_conf.beg_label_asym_id       A 
_struct_conf.beg_label_seq_id        2 
_struct_conf.pdbx_beg_PDB_ins_code   ? 
_struct_conf.end_label_comp_id       ILE 
_struct_conf.end_label_asym_id       A 
_struct_conf.end_label_seq_id        17 
_struct_conf.pdbx_end_PDB_ins_code   ? 
_struct_conf.beg_auth_comp_id        SER 
_struct_conf.beg_auth_asym_id        A 
_struct_conf.beg_auth_seq_id         2 
_struct_conf.end_auth_comp_id        ILE 
_struct_conf.end_auth_asym_id        A 
_struct_conf.end_auth_seq_id         17 
_struct_conf.pdbx_PDB_helix_class    1 
_struct_conf.details                 ? 
_struct_conf.pdbx_PDB_helix_length   16 
# 
_struct_conf_type.id          HELX_P 
_struct_conf_type.criteria    ? 
_struct_conf_type.reference   ? 
# 
loop_
_struct_conn.id 
_struct_conn.conn_type_id 
_struct_conn.pdbx_leaving_atom_flag 
_struct_conn.pdbx_PDB_id 
_struct_conn.ptnr1_label_asym_id 
_struct_conn.ptnr1_label_comp_id 
_struct_conn.ptnr1_label_seq_id 
_struct_conn.ptnr1_label_atom_id 
_struct_conn.pdbx_ptnr1_label_alt_id 
_struct_conn.pdbx_ptnr1_PDB_ins_code 
_struct_conn.pdbx_ptnr1_standard_comp_id 
_struct_conn.ptnr1_symmetry 
_struct_conn.ptnr2_label_asym_id 
_struct_conn.ptnr2_label_comp_id 
_struct_conn.ptnr2_label_seq_id 
_struct_conn.ptnr2_label_atom_id 
_struct_conn.pdbx_ptnr2_label_alt_id 
_struct_conn.pdbx_ptnr2_PDB_ins_code 
_struct_conn.ptnr1_auth_asym_id 
_struct_conn.ptnr1_auth_comp_id 
_struct_conn.ptnr1_auth_seq_id 
_struct_conn.ptnr2_auth_asym_id 
_struct_conn.ptnr2_auth_comp_id 
_struct_conn.ptnr2_auth_seq_id 
_struct_conn.ptnr2_symmetry 
_struct_conn.pdbx_ptnr3_label_atom_id 
_struct_conn.pdbx_ptnr3_label_seq_id 
_struct_conn.pdbx_ptnr3_label_comp_id 
_struct_conn.pdbx_ptnr3_label_asym_id 
_struct_conn.pdbx_ptnr3_label_alt_id 
_struct_conn.pdbx_ptnr3_PDB_ins_code 
_struct_conn.details 
_struct_conn.pdbx_dist_value 
_struct_conn.pdbx_value_order 
_struct_conn.pdbx_role 
covale1 covale both ? A ACE 1 C   ? ? ? 1_555 A SER 2 N  ? ? A ACE 1 A SER 2   1_555 ? ? ? ? ? ? ? 1.327 ? ? 
metalc1 metalc ?    ? A GLU 5 OE1 ? ? ? 1_555 B NA  . NA ? ? A GLU 5 A NA  101 1_555 ? ? ? ? ? ? ? 2.288 ? ? 
metalc2 metalc ?    ? A GLU 5 OE1 ? ? ? 2_655 B NA  . NA ? ? A GLU 5 A NA  101 1_555 ? ? ? ? ? ? ? 2.288 ? ? 
metalc3 metalc ?    ? A GLU 5 OE1 ? ? ? 3_665 B NA  . NA ? ? A GLU 5 A NA  101 1_555 ? ? ? ? ? ? ? 2.288 ? ? 
metalc4 metalc ?    ? A GLU 5 OE2 ? ? ? 1_555 B NA  . NA ? ? A GLU 5 A NA  101 1_555 ? ? ? ? ? ? ? 2.872 ? ? 
# 
loop_
_struct_conn_type.id 
_struct_conn_type.criteria 
_struct_conn_type.reference 
covale ? ? 
metalc ? ? 
# 
loop_
_pdbx_struct_conn_angle.id 
_pdbx_struct_conn_angle.ptnr1_label_atom_id 
_pdbx_struct_conn_angle.ptnr1_label_alt_id 
_pdbx_struct_conn_angle.ptnr1_label_asym_id 
_pdbx_struct_conn_angle.ptnr1_label_comp_id 
_pdbx_struct_conn_angle.ptnr1_label_seq_id 
_pdbx_struct_conn_angle.ptnr1_auth_atom_id 
_pdbx_struct_conn_angle.ptnr1_auth_asym_id 
_pdbx_struct_conn_angle.ptnr1_auth_comp_id 
_pdbx_struct_conn_angle.ptnr1_auth_seq_id 
_pdbx_struct_conn_angle.ptnr1_PDB_ins_code 
_pdbx_struct_conn_angle.ptnr1_symmetry 
_pdbx_struct_conn_angle.ptnr2_label_atom_id 
_pdbx_struct_conn_angle.ptnr2_label_alt_id 
_pdbx_struct_conn_angle.ptnr2_label_asym_id 
_pdbx_struct_conn_angle.ptnr2_label_comp_id 
_pdbx_struct_conn_angle.ptnr2_label_seq_id 
_pdbx_struct_conn_angle.ptnr2_auth_atom_id 
_pdbx_struct_conn_angle.ptnr2_auth_asym_id 
_pdbx_struct_conn_angle.ptnr2_auth_comp_id 
_pdbx_struct_conn_angle.ptnr2_auth_seq_id 
_pdbx_struct_conn_angle.ptnr2_PDB_ins_code 
_pdbx_struct_conn_angle.ptnr2_symmetry 
_pdbx_struct_conn_angle.ptnr3_label_atom_id 
_pdbx_struct_conn_angle.ptnr3_label_alt_id 
_pdbx_struct_conn_angle.ptnr3_label_asym_id 
_pdbx_struct_conn_angle.ptnr3_label_comp_id 
_pdbx_struct_conn_angle.ptnr3_label_seq_id 
_pdbx_struct_conn_angle.ptnr3_auth_atom_id 
_pdbx_struct_conn_angle.ptnr3_auth_asym_id 
_pdbx_struct_conn_angle.ptnr3_auth_comp_id 
_pdbx_struct_conn_angle.ptnr3_auth_seq_id 
_pdbx_struct_conn_angle.ptnr3_PDB_ins_code 
_pdbx_struct_conn_angle.ptnr3_symmetry 
_pdbx_struct_conn_angle.value 
_pdbx_struct_conn_angle.value_esd 
1 OE1 ? A GLU 5 ? A GLU 5 ? 1_555 NA ? B NA . ? A NA 101 ? 1_555 OE1 ? A GLU 5 ? A GLU 5 ? 2_655 100.5 ? 
2 OE1 ? A GLU 5 ? A GLU 5 ? 1_555 NA ? B NA . ? A NA 101 ? 1_555 OE1 ? A GLU 5 ? A GLU 5 ? 3_665 100.5 ? 
3 OE1 ? A GLU 5 ? A GLU 5 ? 2_655 NA ? B NA . ? A NA 101 ? 1_555 OE1 ? A GLU 5 ? A GLU 5 ? 3_665 100.5 ? 
4 OE1 ? A GLU 5 ? A GLU 5 ? 1_555 NA ? B NA . ? A NA 101 ? 1_555 OE2 ? A GLU 5 ? A GLU 5 ? 1_555 48.7  ? 
5 OE1 ? A GLU 5 ? A GLU 5 ? 2_655 NA ? B NA . ? A NA 101 ? 1_555 OE2 ? A GLU 5 ? A GLU 5 ? 1_555 137.0 ? 
6 OE1 ? A GLU 5 ? A GLU 5 ? 3_665 NA ? B NA . ? A NA 101 ? 1_555 OE2 ? A GLU 5 ? A GLU 5 ? 1_555 112.9 ? 
# 
_pdbx_modification_feature.ordinal                            1 
_pdbx_modification_feature.label_comp_id                      ACE 
_pdbx_modification_feature.label_asym_id                      A 
_pdbx_modification_feature.label_seq_id                       1 
_pdbx_modification_feature.label_alt_id                       ? 
_pdbx_modification_feature.modified_residue_label_comp_id     SER 
_pdbx_modification_feature.modified_residue_label_asym_id     A 
_pdbx_modification_feature.modified_residue_label_seq_id      2 
_pdbx_modification_feature.modified_residue_label_alt_id      ? 
_pdbx_modification_feature.auth_comp_id                       ACE 
_pdbx_modification_feature.auth_asym_id                       A 
_pdbx_modification_feature.auth_seq_id                        1 
_pdbx_modification_feature.PDB_ins_code                       ? 
_pdbx_modification_feature.symmetry                           1_555 
_pdbx_modification_feature.modified_residue_auth_comp_id      SER 
_pdbx_modification_feature.modified_residue_auth_asym_id      A 
_pdbx_modification_feature.modified_residue_auth_seq_id       2 
_pdbx_modification_feature.modified_residue_PDB_ins_code      ? 
_pdbx_modification_feature.modified_residue_symmetry          1_555 
_pdbx_modification_feature.comp_id_linking_atom               . 
_pdbx_modification_feature.modified_residue_id_linking_atom   . 
_pdbx_modification_feature.modified_residue_id                SER 
_pdbx_modification_feature.ref_pcm_id                         6 
_pdbx_modification_feature.ref_comp_id                        ACE 
_pdbx_modification_feature.type                               None 
_pdbx_modification_feature.category                           'Terminal acetylation' 
# 
loop_
_struct_site.id 
_struct_site.pdbx_evidence_code 
_struct_site.pdbx_auth_asym_id 
_struct_site.pdbx_auth_comp_id 
_struct_site.pdbx_auth_seq_id 
_struct_site.pdbx_auth_ins_code 
_struct_site.pdbx_num_residues 
_struct_site.details 
AC1 Software A NA 101 ? 3 'BINDING SITE FOR RESIDUE NA A 101' 
AC2 Software A ZN 102 ? 6 'BINDING SITE FOR RESIDUE ZN A 102' 
# 
loop_
_struct_site_gen.id 
_struct_site_gen.site_id 
_struct_site_gen.pdbx_num_res 
_struct_site_gen.label_comp_id 
_struct_site_gen.label_asym_id 
_struct_site_gen.label_seq_id 
_struct_site_gen.pdbx_auth_ins_code 
_struct_site_gen.auth_comp_id 
_struct_site_gen.auth_asym_id 
_struct_site_gen.auth_seq_id 
_struct_site_gen.label_atom_id 
_struct_site_gen.label_alt_id 
_struct_site_gen.symmetry 
_struct_site_gen.details 
1 AC1 3 GLU A 5  ? GLU A 5   . ? 2_655 ? 
2 AC1 3 GLU A 5  ? GLU A 5   . ? 1_555 ? 
3 AC1 3 GLU A 5  ? GLU A 5   . ? 3_665 ? 
4 AC2 6 GLU A 12 ? GLU A 12  . ? 1_555 ? 
5 AC2 6 GLU A 12 ? GLU A 12  . ? 3_665 ? 
6 AC2 6 GLU A 12 ? GLU A 12  . ? 2_655 ? 
7 AC2 6 HOH D .  ? HOH A 103 . ? 3_665 ? 
8 AC2 6 HOH D .  ? HOH A 103 . ? 2_655 ? 
9 AC2 6 HOH D .  ? HOH A 103 . ? 1_555 ? 
# 
_pdbx_entry_details.entry_id                   1S9Z 
_pdbx_entry_details.compound_details           ? 
_pdbx_entry_details.source_details             ? 
_pdbx_entry_details.nonpolymer_details         ? 
_pdbx_entry_details.sequence_details           ? 
_pdbx_entry_details.has_ligand_of_interest     ? 
_pdbx_entry_details.has_protein_modification   Y 
# 
loop_
_pdbx_struct_special_symmetry.id 
_pdbx_struct_special_symmetry.PDB_model_num 
_pdbx_struct_special_symmetry.auth_asym_id 
_pdbx_struct_special_symmetry.auth_comp_id 
_pdbx_struct_special_symmetry.auth_seq_id 
_pdbx_struct_special_symmetry.PDB_ins_code 
_pdbx_struct_special_symmetry.label_asym_id 
_pdbx_struct_special_symmetry.label_comp_id 
_pdbx_struct_special_symmetry.label_seq_id 
1 1 A NA  101 ? B NA  . 
2 1 A ZN  102 ? C ZN  . 
3 1 A HOH 103 ? D HOH . 
4 1 A HOH 104 ? D HOH . 
# 
_pdbx_unobs_or_zero_occ_residues.id               1 
_pdbx_unobs_or_zero_occ_residues.PDB_model_num    1 
_pdbx_unobs_or_zero_occ_residues.polymer_flag     Y 
_pdbx_unobs_or_zero_occ_residues.occupancy_flag   1 
_pdbx_unobs_or_zero_occ_residues.auth_asym_id     A 
_pdbx_unobs_or_zero_occ_residues.auth_comp_id     GLY 
_pdbx_unobs_or_zero_occ_residues.auth_seq_id      18 
_pdbx_unobs_or_zero_occ_residues.PDB_ins_code     ? 
_pdbx_unobs_or_zero_occ_residues.label_asym_id    A 
_pdbx_unobs_or_zero_occ_residues.label_comp_id    GLY 
_pdbx_unobs_or_zero_occ_residues.label_seq_id     18 
# 
loop_
_chem_comp_atom.comp_id 
_chem_comp_atom.atom_id 
_chem_comp_atom.type_symbol 
_chem_comp_atom.pdbx_aromatic_flag 
_chem_comp_atom.pdbx_stereo_config 
_chem_comp_atom.pdbx_ordinal 
ACE C    C  N N 1   
ACE O    O  N N 2   
ACE CH3  C  N N 3   
ACE H    H  N N 4   
ACE H1   H  N N 5   
ACE H2   H  N N 6   
ACE H3   H  N N 7   
ALA N    N  N N 8   
ALA CA   C  N S 9   
ALA C    C  N N 10  
ALA O    O  N N 11  
ALA CB   C  N N 12  
ALA OXT  O  N N 13  
ALA H    H  N N 14  
ALA H2   H  N N 15  
ALA HA   H  N N 16  
ALA HB1  H  N N 17  
ALA HB2  H  N N 18  
ALA HB3  H  N N 19  
ALA HXT  H  N N 20  
ARG N    N  N N 21  
ARG CA   C  N S 22  
ARG C    C  N N 23  
ARG O    O  N N 24  
ARG CB   C  N N 25  
ARG CG   C  N N 26  
ARG CD   C  N N 27  
ARG NE   N  N N 28  
ARG CZ   C  N N 29  
ARG NH1  N  N N 30  
ARG NH2  N  N N 31  
ARG OXT  O  N N 32  
ARG H    H  N N 33  
ARG H2   H  N N 34  
ARG HA   H  N N 35  
ARG HB2  H  N N 36  
ARG HB3  H  N N 37  
ARG HG2  H  N N 38  
ARG HG3  H  N N 39  
ARG HD2  H  N N 40  
ARG HD3  H  N N 41  
ARG HE   H  N N 42  
ARG HH11 H  N N 43  
ARG HH12 H  N N 44  
ARG HH21 H  N N 45  
ARG HH22 H  N N 46  
ARG HXT  H  N N 47  
GLU N    N  N N 48  
GLU CA   C  N S 49  
GLU C    C  N N 50  
GLU O    O  N N 51  
GLU CB   C  N N 52  
GLU CG   C  N N 53  
GLU CD   C  N N 54  
GLU OE1  O  N N 55  
GLU OE2  O  N N 56  
GLU OXT  O  N N 57  
GLU H    H  N N 58  
GLU H2   H  N N 59  
GLU HA   H  N N 60  
GLU HB2  H  N N 61  
GLU HB3  H  N N 62  
GLU HG2  H  N N 63  
GLU HG3  H  N N 64  
GLU HE2  H  N N 65  
GLU HXT  H  N N 66  
GLY N    N  N N 67  
GLY CA   C  N N 68  
GLY C    C  N N 69  
GLY O    O  N N 70  
GLY OXT  O  N N 71  
GLY H    H  N N 72  
GLY H2   H  N N 73  
GLY HA2  H  N N 74  
GLY HA3  H  N N 75  
GLY HXT  H  N N 76  
HOH O    O  N N 77  
HOH H1   H  N N 78  
HOH H2   H  N N 79  
ILE N    N  N N 80  
ILE CA   C  N S 81  
ILE C    C  N N 82  
ILE O    O  N N 83  
ILE CB   C  N S 84  
ILE CG1  C  N N 85  
ILE CG2  C  N N 86  
ILE CD1  C  N N 87  
ILE OXT  O  N N 88  
ILE H    H  N N 89  
ILE H2   H  N N 90  
ILE HA   H  N N 91  
ILE HB   H  N N 92  
ILE HG12 H  N N 93  
ILE HG13 H  N N 94  
ILE HG21 H  N N 95  
ILE HG22 H  N N 96  
ILE HG23 H  N N 97  
ILE HD11 H  N N 98  
ILE HD12 H  N N 99  
ILE HD13 H  N N 100 
ILE HXT  H  N N 101 
LEU N    N  N N 102 
LEU CA   C  N S 103 
LEU C    C  N N 104 
LEU O    O  N N 105 
LEU CB   C  N N 106 
LEU CG   C  N N 107 
LEU CD1  C  N N 108 
LEU CD2  C  N N 109 
LEU OXT  O  N N 110 
LEU H    H  N N 111 
LEU H2   H  N N 112 
LEU HA   H  N N 113 
LEU HB2  H  N N 114 
LEU HB3  H  N N 115 
LEU HG   H  N N 116 
LEU HD11 H  N N 117 
LEU HD12 H  N N 118 
LEU HD13 H  N N 119 
LEU HD21 H  N N 120 
LEU HD22 H  N N 121 
LEU HD23 H  N N 122 
LEU HXT  H  N N 123 
NA  NA   NA N N 124 
SER N    N  N N 125 
SER CA   C  N S 126 
SER C    C  N N 127 
SER O    O  N N 128 
SER CB   C  N N 129 
SER OG   O  N N 130 
SER OXT  O  N N 131 
SER H    H  N N 132 
SER H2   H  N N 133 
SER HA   H  N N 134 
SER HB2  H  N N 135 
SER HB3  H  N N 136 
SER HG   H  N N 137 
SER HXT  H  N N 138 
ZN  ZN   ZN N N 139 
# 
loop_
_chem_comp_bond.comp_id 
_chem_comp_bond.atom_id_1 
_chem_comp_bond.atom_id_2 
_chem_comp_bond.value_order 
_chem_comp_bond.pdbx_aromatic_flag 
_chem_comp_bond.pdbx_stereo_config 
_chem_comp_bond.pdbx_ordinal 
ACE C   O    doub N N 1   
ACE C   CH3  sing N N 2   
ACE C   H    sing N N 3   
ACE CH3 H1   sing N N 4   
ACE CH3 H2   sing N N 5   
ACE CH3 H3   sing N N 6   
ALA N   CA   sing N N 7   
ALA N   H    sing N N 8   
ALA N   H2   sing N N 9   
ALA CA  C    sing N N 10  
ALA CA  CB   sing N N 11  
ALA CA  HA   sing N N 12  
ALA C   O    doub N N 13  
ALA C   OXT  sing N N 14  
ALA CB  HB1  sing N N 15  
ALA CB  HB2  sing N N 16  
ALA CB  HB3  sing N N 17  
ALA OXT HXT  sing N N 18  
ARG N   CA   sing N N 19  
ARG N   H    sing N N 20  
ARG N   H2   sing N N 21  
ARG CA  C    sing N N 22  
ARG CA  CB   sing N N 23  
ARG CA  HA   sing N N 24  
ARG C   O    doub N N 25  
ARG C   OXT  sing N N 26  
ARG CB  CG   sing N N 27  
ARG CB  HB2  sing N N 28  
ARG CB  HB3  sing N N 29  
ARG CG  CD   sing N N 30  
ARG CG  HG2  sing N N 31  
ARG CG  HG3  sing N N 32  
ARG CD  NE   sing N N 33  
ARG CD  HD2  sing N N 34  
ARG CD  HD3  sing N N 35  
ARG NE  CZ   sing N N 36  
ARG NE  HE   sing N N 37  
ARG CZ  NH1  sing N N 38  
ARG CZ  NH2  doub N N 39  
ARG NH1 HH11 sing N N 40  
ARG NH1 HH12 sing N N 41  
ARG NH2 HH21 sing N N 42  
ARG NH2 HH22 sing N N 43  
ARG OXT HXT  sing N N 44  
GLU N   CA   sing N N 45  
GLU N   H    sing N N 46  
GLU N   H2   sing N N 47  
GLU CA  C    sing N N 48  
GLU CA  CB   sing N N 49  
GLU CA  HA   sing N N 50  
GLU C   O    doub N N 51  
GLU C   OXT  sing N N 52  
GLU CB  CG   sing N N 53  
GLU CB  HB2  sing N N 54  
GLU CB  HB3  sing N N 55  
GLU CG  CD   sing N N 56  
GLU CG  HG2  sing N N 57  
GLU CG  HG3  sing N N 58  
GLU CD  OE1  doub N N 59  
GLU CD  OE2  sing N N 60  
GLU OE2 HE2  sing N N 61  
GLU OXT HXT  sing N N 62  
GLY N   CA   sing N N 63  
GLY N   H    sing N N 64  
GLY N   H2   sing N N 65  
GLY CA  C    sing N N 66  
GLY CA  HA2  sing N N 67  
GLY CA  HA3  sing N N 68  
GLY C   O    doub N N 69  
GLY C   OXT  sing N N 70  
GLY OXT HXT  sing N N 71  
HOH O   H1   sing N N 72  
HOH O   H2   sing N N 73  
ILE N   CA   sing N N 74  
ILE N   H    sing N N 75  
ILE N   H2   sing N N 76  
ILE CA  C    sing N N 77  
ILE CA  CB   sing N N 78  
ILE CA  HA   sing N N 79  
ILE C   O    doub N N 80  
ILE C   OXT  sing N N 81  
ILE CB  CG1  sing N N 82  
ILE CB  CG2  sing N N 83  
ILE CB  HB   sing N N 84  
ILE CG1 CD1  sing N N 85  
ILE CG1 HG12 sing N N 86  
ILE CG1 HG13 sing N N 87  
ILE CG2 HG21 sing N N 88  
ILE CG2 HG22 sing N N 89  
ILE CG2 HG23 sing N N 90  
ILE CD1 HD11 sing N N 91  
ILE CD1 HD12 sing N N 92  
ILE CD1 HD13 sing N N 93  
ILE OXT HXT  sing N N 94  
LEU N   CA   sing N N 95  
LEU N   H    sing N N 96  
LEU N   H2   sing N N 97  
LEU CA  C    sing N N 98  
LEU CA  CB   sing N N 99  
LEU CA  HA   sing N N 100 
LEU C   O    doub N N 101 
LEU C   OXT  sing N N 102 
LEU CB  CG   sing N N 103 
LEU CB  HB2  sing N N 104 
LEU CB  HB3  sing N N 105 
LEU CG  CD1  sing N N 106 
LEU CG  CD2  sing N N 107 
LEU CG  HG   sing N N 108 
LEU CD1 HD11 sing N N 109 
LEU CD1 HD12 sing N N 110 
LEU CD1 HD13 sing N N 111 
LEU CD2 HD21 sing N N 112 
LEU CD2 HD22 sing N N 113 
LEU CD2 HD23 sing N N 114 
LEU OXT HXT  sing N N 115 
SER N   CA   sing N N 116 
SER N   H    sing N N 117 
SER N   H2   sing N N 118 
SER CA  C    sing N N 119 
SER CA  CB   sing N N 120 
SER CA  HA   sing N N 121 
SER C   O    doub N N 122 
SER C   OXT  sing N N 123 
SER CB  OG   sing N N 124 
SER CB  HB2  sing N N 125 
SER CB  HB3  sing N N 126 
SER OG  HG   sing N N 127 
SER OXT HXT  sing N N 128 
# 
_atom_sites.entry_id                    1S9Z 
_atom_sites.fract_transf_matrix[1][1]   -0.02098520 
_atom_sites.fract_transf_matrix[1][2]   0.04506915 
_atom_sites.fract_transf_matrix[1][3]   0.01469014 
_atom_sites.fract_transf_matrix[2][1]   -0.04841232 
_atom_sites.fract_transf_matrix[2][2]   0.01190531 
_atom_sites.fract_transf_matrix[2][3]   -0.01421267 
_atom_sites.fract_transf_matrix[3][1]   -0.00666782 
_atom_sites.fract_transf_matrix[3][2]   -0.00825411 
_atom_sites.fract_transf_matrix[3][3]   0.01579838 
_atom_sites.fract_transf_vector[1]      0.745412 
_atom_sites.fract_transf_vector[2]      0.714087 
_atom_sites.fract_transf_vector[3]      0.183443 
# 
loop_
_atom_type.symbol 
C  
N  
NA 
O  
ZN 
# 
loop_
_atom_site.group_PDB 
_atom_site.id 
_atom_site.type_symbol 
_atom_site.label_atom_id 
_atom_site.label_alt_id 
_atom_site.label_comp_id 
_atom_site.label_asym_id 
_atom_site.label_entity_id 
_atom_site.label_seq_id 
_atom_site.pdbx_PDB_ins_code 
_atom_site.Cartn_x 
_atom_site.Cartn_y 
_atom_site.Cartn_z 
_atom_site.occupancy 
_atom_site.B_iso_or_equiv 
_atom_site.pdbx_formal_charge 
_atom_site.auth_seq_id 
_atom_site.auth_comp_id 
_atom_site.auth_asym_id 
_atom_site.auth_atom_id 
_atom_site.pdbx_PDB_model_num 
HETATM 1   C  C   . ACE A 1 1  ? 6.427  7.389  -7.285  1.00 42.49  ? 1   ACE A C   1 
HETATM 2   O  O   . ACE A 1 1  ? 6.418  6.640  -6.307  1.00 38.47  ? 1   ACE A O   1 
HETATM 3   C  CH3 . ACE A 1 1  ? 7.474  7.238  -8.388  1.00 41.25  ? 1   ACE A CH3 1 
ATOM   4   N  N   . SER A 1 2  ? 5.569  8.395  -7.410  1.00 47.07  ? 2   SER A N   1 
ATOM   5   C  CA  . SER A 1 2  ? 4.625  8.674  -6.346  1.00 44.62  ? 2   SER A CA  1 
ATOM   6   C  C   . SER A 1 2  ? 3.662  7.521  -6.343  1.00 41.09  ? 2   SER A C   1 
ATOM   7   O  O   . SER A 1 2  ? 3.272  7.026  -5.288  1.00 34.04  ? 2   SER A O   1 
ATOM   8   C  CB  . SER A 1 2  ? 3.862  9.965  -6.623  1.00 54.85  ? 2   SER A CB  1 
ATOM   9   O  OG  . SER A 1 2  ? 3.329  9.959  -7.935  1.00 78.90  ? 2   SER A OG  1 
ATOM   10  N  N   . ILE A 1 3  ? 3.290  7.074  -7.540  1.00 39.18  ? 3   ILE A N   1 
ATOM   11  C  CA  . ILE A 1 3  ? 2.332  5.993  -7.641  1.00 38.77  ? 3   ILE A CA  1 
ATOM   12  C  C   . ILE A 1 3  ? 2.821  4.680  -7.033  1.00 37.58  ? 3   ILE A C   1 
ATOM   13  O  O   . ILE A 1 3  ? 2.022  3.923  -6.445  1.00 25.52  ? 3   ILE A O   1 
ATOM   14  C  CB  . ILE A 1 3  ? 1.706  5.841  -9.048  1.00 44.53  ? 3   ILE A CB  1 
ATOM   15  C  CG1 . ILE A 1 3  ? 1.495  7.201  -9.707  1.00 40.59  ? 3   ILE A CG1 1 
ATOM   16  C  CG2 . ILE A 1 3  ? 0.342  5.147  -8.958  1.00 55.48  ? 3   ILE A CG2 1 
ATOM   17  C  CD1 . ILE A 1 3  ? 0.237  7.252  -10.550 1.00 42.96  ? 3   ILE A CD1 1 
ATOM   18  N  N   . ARG A 1 4  ? 4.130  4.426  -7.128  1.00 31.70  ? 4   ARG A N   1 
ATOM   19  C  CA  . ARG A 1 4  ? 4.716  3.214  -6.540  1.00 29.27  ? 4   ARG A CA  1 
ATOM   20  C  C   . ARG A 1 4  ? 4.734  3.282  -4.997  1.00 27.67  ? 4   ARG A C   1 
ATOM   21  O  O   . ARG A 1 4  ? 4.608  2.263  -4.304  1.00 31.30  ? 4   ARG A O   1 
ATOM   22  C  CB  . ARG A 1 4  ? 6.130  2.949  -7.093  1.00 59.91  ? 4   ARG A CB  1 
ATOM   23  C  CG  . ARG A 1 4  ? 6.201  1.921  -8.251  1.00 118.88 ? 4   ARG A CG  1 
ATOM   24  C  CD  . ARG A 1 4  ? 7.569  1.923  -8.972  1.00 187.56 ? 4   ARG A CD  1 
ATOM   25  N  NE  . ARG A 1 4  ? 7.466  2.336  -10.379 1.00 251.98 ? 4   ARG A NE  1 
ATOM   26  C  CZ  . ARG A 1 4  ? 8.500  2.504  -11.207 1.00 300.00 ? 4   ARG A CZ  1 
ATOM   27  N  NH1 . ARG A 1 4  ? 9.738  2.293  -10.773 1.00 300.00 ? 4   ARG A NH1 1 
ATOM   28  N  NH2 . ARG A 1 4  ? 8.297  2.891  -12.463 1.00 300.00 ? 4   ARG A NH2 1 
ATOM   29  N  N   . GLU A 1 5  ? 4.862  4.475  -4.433  1.00 31.32  ? 5   GLU A N   1 
ATOM   30  C  CA  . GLU A 1 5  ? 4.826  4.544  -2.974  1.00 28.70  ? 5   GLU A CA  1 
ATOM   31  C  C   . GLU A 1 5  ? 3.404  4.349  -2.449  1.00 31.46  ? 5   GLU A C   1 
ATOM   32  O  O   . GLU A 1 5  ? 3.209  3.743  -1.385  1.00 36.97  ? 5   GLU A O   1 
ATOM   33  C  CB  . GLU A 1 5  ? 5.466  5.816  -2.384  1.00 30.78  ? 5   GLU A CB  1 
ATOM   34  C  CG  . GLU A 1 5  ? 5.787  5.645  -0.857  1.00 37.06  ? 5   GLU A CG  1 
ATOM   35  C  CD  . GLU A 1 5  ? 6.430  4.305  -0.547  1.00 83.28  ? 5   GLU A CD  1 
ATOM   36  O  OE1 . GLU A 1 5  ? 7.168  3.823  -1.422  1.00 137.36 ? 5   GLU A OE1 1 
ATOM   37  O  OE2 . GLU A 1 5  ? 6.189  3.730  0.539   1.00 73.69  ? 5   GLU A OE2 1 
ATOM   38  N  N   . LEU A 1 6  ? 2.424  4.874  -3.201  1.00 25.54  ? 6   LEU A N   1 
ATOM   39  C  CA  . LEU A 1 6  ? 0.985  4.749  -2.860  1.00 21.80  ? 6   LEU A CA  1 
ATOM   40  C  C   . LEU A 1 6  ? 0.588  3.269  -2.946  1.00 12.05  ? 6   LEU A C   1 
ATOM   41  O  O   . LEU A 1 6  ? -0.051 2.752  -2.047  1.00 13.65  ? 6   LEU A O   1 
ATOM   42  C  CB  . LEU A 1 6  ? 0.122  5.549  -3.835  1.00 22.99  ? 6   LEU A CB  1 
ATOM   43  C  CG  . LEU A 1 6  ? 0.615  6.969  -4.020  1.00 34.97  ? 6   LEU A CG  1 
ATOM   44  C  CD1 . LEU A 1 6  ? -0.028 7.653  -5.224  1.00 43.05  ? 6   LEU A CD1 1 
ATOM   45  C  CD2 . LEU A 1 6  ? 0.360  7.717  -2.766  1.00 25.22  ? 6   LEU A CD2 1 
ATOM   46  N  N   . GLU A 1 7  ? 0.996  2.596  -4.027  1.00 19.76  ? 7   GLU A N   1 
ATOM   47  C  CA  . GLU A 1 7  ? 0.758  1.144  -4.194  1.00 18.86  ? 7   GLU A CA  1 
ATOM   48  C  C   . GLU A 1 7  ? 1.282  0.363  -2.966  1.00 10.94  ? 7   GLU A C   1 
ATOM   49  O  O   . GLU A 1 7  ? 0.561  -0.435 -2.338  1.00 15.34  ? 7   GLU A O   1 
ATOM   50  C  CB  . GLU A 1 7  ? 1.460  0.683  -5.461  1.00 28.32  ? 7   GLU A CB  1 
ATOM   51  C  CG  . GLU A 1 7  ? 0.909  -0.540 -6.182  1.00 48.89  ? 7   GLU A CG  1 
ATOM   52  C  CD  . GLU A 1 7  ? 1.614  -0.768 -7.532  1.00 116.41 ? 7   GLU A CD  1 
ATOM   53  O  OE1 . GLU A 1 7  ? 0.961  -0.587 -8.586  1.00 165.28 ? 7   GLU A OE1 1 
ATOM   54  O  OE2 . GLU A 1 7  ? 2.825  -1.099 -7.536  1.00 114.86 ? 7   GLU A OE2 1 
ATOM   55  N  N   . ALA A 1 8  ? 2.513  0.651  -2.570  1.00 25.40  ? 8   ALA A N   1 
ATOM   56  C  CA  . ALA A 1 8  ? 3.089  0.022  -1.389  1.00 20.21  ? 8   ALA A CA  1 
ATOM   57  C  C   . ALA A 1 8  ? 2.266  0.290  -0.133  1.00 19.03  ? 8   ALA A C   1 
ATOM   58  O  O   . ALA A 1 8  ? 2.073  -0.606 0.687   1.00 24.98  ? 8   ALA A O   1 
ATOM   59  C  CB  . ALA A 1 8  ? 4.520  0.487  -1.178  1.00 25.56  ? 8   ALA A CB  1 
ATOM   60  N  N   . ARG A 1 9  ? 1.780  1.520  0.041   1.00 25.70  ? 9   ARG A N   1 
ATOM   61  C  CA  . ARG A 1 9  ? 1.004  1.850  1.235   1.00 21.17  ? 9   ARG A CA  1 
ATOM   62  C  C   . ARG A 1 9  ? -0.345 1.103  1.260   1.00 3.62   ? 9   ARG A C   1 
ATOM   63  O  O   . ARG A 1 9  ? -0.754 0.557  2.293   1.00 9.98   ? 9   ARG A O   1 
ATOM   64  C  CB  . ARG A 1 9  ? 0.838  3.359  1.383   1.00 30.72  ? 9   ARG A CB  1 
ATOM   65  C  CG  . ARG A 1 9  ? 2.094  4.101  1.870   1.00 28.32  ? 9   ARG A CG  1 
ATOM   66  C  CD  . ARG A 1 9  ? 1.832  5.584  1.662   1.00 24.86  ? 9   ARG A CD  1 
ATOM   67  N  NE  . ARG A 1 9  ? 1.081  6.208  2.772   1.00 21.40  ? 9   ARG A NE  1 
ATOM   68  C  CZ  . ARG A 1 9  ? 0.806  7.521  2.839   1.00 21.77  ? 9   ARG A CZ  1 
ATOM   69  N  NH1 . ARG A 1 9  ? 1.183  8.332  1.861   1.00 28.44  ? 9   ARG A NH1 1 
ATOM   70  N  NH2 . ARG A 1 9  ? 0.170  8.028  3.892   1.00 24.31  ? 9   ARG A NH2 1 
ATOM   71  N  N   . ILE A 1 10 ? -1.022 1.053  0.124   1.00 18.75  ? 10  ILE A N   1 
ATOM   72  C  CA  . ILE A 1 10 ? -2.280 0.302  0.073   1.00 7.88   ? 10  ILE A CA  1 
ATOM   73  C  C   . ILE A 1 10 ? -1.991 -1.227 0.321   1.00 13.80  ? 10  ILE A C   1 
ATOM   74  O  O   . ILE A 1 10 ? -2.657 -1.866 1.079   1.00 14.68  ? 10  ILE A O   1 
ATOM   75  C  CB  . ILE A 1 10 ? -2.903 0.501  -1.335  1.00 14.66  ? 10  ILE A CB  1 
ATOM   76  C  CG1 . ILE A 1 10 ? -3.423 1.918  -1.515  1.00 29.34  ? 10  ILE A CG1 1 
ATOM   77  C  CG2 . ILE A 1 10 ? -4.140 -0.367 -1.489  1.00 23.81  ? 10  ILE A CG2 1 
ATOM   78  C  CD1 . ILE A 1 10 ? -3.929 2.187  -2.936  1.00 41.61  ? 10  ILE A CD1 1 
ATOM   79  N  N   . ARG A 1 11 ? -0.997 -1.811 -0.329  1.00 15.34  ? 11  ARG A N   1 
ATOM   80  C  CA  . ARG A 1 11 ? -0.710 -3.236 -0.085  1.00 13.62  ? 11  ARG A CA  1 
ATOM   81  C  C   . ARG A 1 11 ? -0.586 -3.591 1.371   1.00 12.15  ? 11  ARG A C   1 
ATOM   82  O  O   . ARG A 1 11 ? -1.158 -4.563 1.876   1.00 14.81  ? 11  ARG A O   1 
ATOM   83  C  CB  . ARG A 1 11 ? 0.568  -3.558 -0.835  1.00 15.92  ? 11  ARG A CB  1 
ATOM   84  C  CG  . ARG A 1 11 ? 0.960  -4.974 -0.758  1.00 36.20  ? 11  ARG A CG  1 
ATOM   85  C  CD  . ARG A 1 11 ? 2.129  -5.122 -1.655  1.00 61.78  ? 11  ARG A CD  1 
ATOM   86  N  NE  . ARG A 1 11 ? 3.116  -4.078 -1.392  1.00 107.19 ? 11  ARG A NE  1 
ATOM   87  C  CZ  . ARG A 1 11 ? 3.558  -3.208 -2.295  1.00 124.62 ? 11  ARG A CZ  1 
ATOM   88  N  NH1 . ARG A 1 11 ? 3.116  -3.240 -3.544  1.00 49.22  ? 11  ARG A NH1 1 
ATOM   89  N  NH2 . ARG A 1 11 ? 4.477  -2.317 -1.951  1.00 159.70 ? 11  ARG A NH2 1 
ATOM   90  N  N   . GLU A 1 12 ? 0.131  -2.770 2.124   1.00 13.52  ? 12  GLU A N   1 
ATOM   91  C  CA  . GLU A 1 12 ? 0.270  -3.038 3.555   1.00 10.43  ? 12  GLU A CA  1 
ATOM   92  C  C   . GLU A 1 12 ? -0.993 -2.907 4.344   1.00 16.50  ? 12  GLU A C   1 
ATOM   93  O  O   . GLU A 1 12 ? -1.222 -3.624 5.300   1.00 21.95  ? 12  GLU A O   1 
ATOM   94  C  CB  . GLU A 1 12 ? 1.246  -2.013 4.105   1.00 14.96  ? 12  GLU A CB  1 
ATOM   95  C  CG  . GLU A 1 12 ? 2.327  -1.769 3.101   1.00 30.95  ? 12  GLU A CG  1 
ATOM   96  C  CD  . GLU A 1 12 ? 3.484  -0.972 3.673   1.00 108.23 ? 12  GLU A CD  1 
ATOM   97  O  OE1 . GLU A 1 12 ? 3.522  -0.846 4.916   1.00 46.96  ? 12  GLU A OE1 1 
ATOM   98  O  OE2 . GLU A 1 12 ? 4.332  -0.493 2.882   1.00 136.72 ? 12  GLU A OE2 1 
ATOM   99  N  N   . LEU A 1 13 ? -1.810 -1.938 3.955   1.00 22.01  ? 13  LEU A N   1 
ATOM   100 C  CA  . LEU A 1 13 ? -3.083 -1.700 4.642   1.00 21.56  ? 13  LEU A CA  1 
ATOM   101 C  C   . LEU A 1 13 ? -3.953 -2.938 4.463   1.00 9.12   ? 13  LEU A C   1 
ATOM   102 O  O   . LEU A 1 13 ? -4.585 -3.429 5.414   1.00 20.09  ? 13  LEU A O   1 
ATOM   103 C  CB  . LEU A 1 13 ? -3.816 -0.480 4.027   1.00 19.44  ? 13  LEU A CB  1 
ATOM   104 C  CG  . LEU A 1 13 ? -3.554 0.925  4.606   1.00 28.89  ? 13  LEU A CG  1 
ATOM   105 C  CD1 . LEU A 1 13 ? -4.123 2.006  3.673   1.00 27.38  ? 13  LEU A CD1 1 
ATOM   106 C  CD2 . LEU A 1 13 ? -4.184 1.015  6.000   1.00 41.42  ? 13  LEU A CD2 1 
ATOM   107 N  N   . GLU A 1 14 ? -3.950 -3.417 3.222   1.00 22.82  ? 14  GLU A N   1 
ATOM   108 C  CA  . GLU A 1 14 ? -4.696 -4.593 2.793   1.00 22.27  ? 14  GLU A CA  1 
ATOM   109 C  C   . GLU A 1 14 ? -4.215 -5.757 3.614   1.00 28.85  ? 14  GLU A C   1 
ATOM   110 O  O   . GLU A 1 14 ? -5.001 -6.488 4.216   1.00 29.21  ? 14  GLU A O   1 
ATOM   111 C  CB  . GLU A 1 14 ? -4.417 -4.882 1.307   1.00 22.85  ? 14  GLU A CB  1 
ATOM   112 C  CG  . GLU A 1 14 ? -5.429 -4.314 0.377   1.00 27.57  ? 14  GLU A CG  1 
ATOM   113 C  CD  . GLU A 1 14 ? -4.917 -4.149 -1.021  1.00 25.14  ? 14  GLU A CD  1 
ATOM   114 O  OE1 . GLU A 1 14 ? -3.768 -4.557 -1.285  1.00 34.16  ? 14  GLU A OE1 1 
ATOM   115 O  OE2 . GLU A 1 14 ? -5.671 -3.613 -1.875  1.00 36.98  ? 14  GLU A OE2 1 
ATOM   116 N  N   . LEU A 1 15 ? -2.899 -5.919 3.626   1.00 29.70  ? 15  LEU A N   1 
ATOM   117 C  CA  . LEU A 1 15 ? -2.249 -6.992 4.379   1.00 25.89  ? 15  LEU A CA  1 
ATOM   118 C  C   . LEU A 1 15 ? -2.681 -6.997 5.848   1.00 34.18  ? 15  LEU A C   1 
ATOM   119 O  O   . LEU A 1 15 ? -3.208 -8.018 6.346   1.00 34.60  ? 15  LEU A O   1 
ATOM   120 C  CB  . LEU A 1 15 ? -0.727 -6.927 4.174   1.00 28.52  ? 15  LEU A CB  1 
ATOM   121 C  CG  . LEU A 1 15 ? -0.328 -7.689 2.896   1.00 32.79  ? 15  LEU A CG  1 
ATOM   122 C  CD1 . LEU A 1 15 ? 1.057  -7.326 2.340   1.00 35.52  ? 15  LEU A CD1 1 
ATOM   123 C  CD2 . LEU A 1 15 ? -0.425 -9.140 3.198   1.00 25.09  ? 15  LEU A CD2 1 
ATOM   124 N  N   . ARG A 1 16 ? -2.517 -5.839 6.502   1.00 37.43  ? 16  ARG A N   1 
ATOM   125 C  CA  . ARG A 1 16 ? -2.915 -5.603 7.900   1.00 40.07  ? 16  ARG A CA  1 
ATOM   126 C  C   . ARG A 1 16 ? -4.399 -5.902 8.116   1.00 48.09  ? 16  ARG A C   1 
ATOM   127 O  O   . ARG A 1 16 ? -4.774 -6.743 8.938   1.00 54.72  ? 16  ARG A O   1 
ATOM   128 C  CB  . ARG A 1 16 ? -2.663 -4.135 8.290   1.00 39.38  ? 16  ARG A CB  1 
ATOM   129 C  CG  . ARG A 1 16 ? -1.206 -3.777 8.600   1.00 84.70  ? 16  ARG A CG  1 
ATOM   130 C  CD  . ARG A 1 16 ? -1.056 -2.302 9.009   1.00 121.13 ? 16  ARG A CD  1 
ATOM   131 N  NE  . ARG A 1 16 ? 0.003  -1.615 8.266   1.00 136.44 ? 16  ARG A NE  1 
ATOM   132 C  CZ  . ARG A 1 16 ? 0.207  -0.298 8.291   1.00 131.90 ? 16  ARG A CZ  1 
ATOM   133 N  NH1 . ARG A 1 16 ? -0.575 0.492  9.026   1.00 108.85 ? 16  ARG A NH1 1 
ATOM   134 N  NH2 . ARG A 1 16 ? 1.193  0.231  7.575   1.00 85.22  ? 16  ARG A NH2 1 
ATOM   135 N  N   . ILE A 1 17 ? -5.231 -5.187 7.372   1.00 39.88  ? 17  ILE A N   1 
ATOM   136 C  CA  . ILE A 1 17 ? -6.672 -5.329 7.453   1.00 35.14  ? 17  ILE A CA  1 
ATOM   137 C  C   . ILE A 1 17 ? -7.084 -6.740 7.114   1.00 44.66  ? 17  ILE A C   1 
ATOM   138 O  O   . ILE A 1 17 ? -7.488 -7.486 7.994   1.00 62.94  ? 17  ILE A O   1 
ATOM   139 C  CB  . ILE A 1 17 ? -7.333 -4.354 6.493   1.00 45.26  ? 17  ILE A CB  1 
ATOM   140 C  CG1 . ILE A 1 17 ? -7.458 -2.987 7.159   1.00 51.16  ? 17  ILE A CG1 1 
ATOM   141 C  CG2 . ILE A 1 17 ? -8.694 -4.848 6.034   1.00 48.11  ? 17  ILE A CG2 1 
ATOM   142 C  CD1 . ILE A 1 17 ? -8.245 -2.001 6.319   1.00 47.86  ? 17  ILE A CD1 1 
HETATM 143 NA NA  . NA  B 2 .  ? 8.543  2.343  -0.347  0.33 37.69  ? 101 NA  A NA  1 
HETATM 144 ZN ZN  . ZN  C 3 .  ? 6.334  -0.390 4.886   0.33 39.89  ? 102 ZN  A ZN  1 
HETATM 145 O  O   . HOH D 4 .  ? 7.391  0.918  2.382   0.33 24.22  ? 103 HOH A O   1 
HETATM 146 O  O   . HOH D 4 .  ? -0.629 -8.814 -1.907  0.33 41.53  ? 104 HOH A O   1 
HETATM 147 O  O   . HOH D 4 .  ? -2.361 -6.634 -0.648  1.00 38.75  ? 105 HOH A O   1 
HETATM 148 O  O   . HOH D 4 .  ? -8.265 -3.047 -1.390  1.00 23.71  ? 106 HOH A O   1 
HETATM 149 O  O   . HOH D 4 .  ? 4.636  -0.838 -4.992  1.00 35.25  ? 107 HOH A O   1 
HETATM 150 O  O   . HOH D 4 .  ? 4.642  1.975  2.069   1.00 41.78  ? 108 HOH A O   1 
HETATM 151 O  O   . HOH D 4 .  ? 4.371  -2.598 1.162   1.00 44.48  ? 109 HOH A O   1 
# 
